data_8HWP
#
_entry.id   8HWP
#
_cell.length_a   55.007
_cell.length_b   56.626
_cell.length_c   119.678
_cell.angle_alpha   90.00
_cell.angle_beta   90.00
_cell.angle_gamma   90.00
#
_symmetry.space_group_name_H-M   'P 21 21 21'
#
loop_
_entity.id
_entity.type
_entity.pdbx_description
1 polymer 'GDSL-family esterase'
2 non-polymer 'butanoic acid'
#
_entity_poly.entity_id   1
_entity_poly.type   'polypeptide(L)'
_entity_poly.pdbx_seq_one_letter_code
;AEFDRITNFGDALSDIGNKHMITVDMNQATSGKIGIRADKPNFDGRFSNGPVWTEYLAGFLAKPAPVRGHGEIDSQVVLK
DQAGKQITYHYHHNALPGTNWAVGGAMSGLGNFLDIDAANGFTAKSGLDVLTNTGQQIKLRIANKGQFTGNELVSYMSGT
NNLWFTLFGDLDQTGNKAAGFALTDIETLIDAGAKQVLAANIPDFVDAPWFAGQQKKTTRFIQSHNQALKAGLDQLAAAH
PDVEIYYFDAFDLFNKVSNEVKTKGKYQDKELAITLTNVTGEAYSYATGKVIAQPNRNLFWDGLHPTTAMHKIMAKEAAS
LVISGRTL
;
_entity_poly.pdbx_strand_id   A
#
# COMPACT_ATOMS: atom_id res chain seq x y z
N ALA A 1 1.59 8.08 28.02
CA ALA A 1 1.04 7.41 26.82
C ALA A 1 2.18 6.98 25.90
N GLU A 2 1.86 6.13 24.93
CA GLU A 2 2.91 5.72 24.01
C GLU A 2 2.90 6.55 22.72
N PHE A 3 1.74 6.95 22.19
CA PHE A 3 1.85 7.83 21.03
C PHE A 3 0.57 8.62 20.76
N ASP A 4 0.75 9.78 20.12
CA ASP A 4 -0.31 10.72 19.85
C ASP A 4 -0.81 10.68 18.42
N ARG A 5 -0.01 10.17 17.48
CA ARG A 5 -0.35 10.23 16.07
C ARG A 5 0.28 9.03 15.37
N ILE A 6 -0.24 8.70 14.19
CA ILE A 6 0.27 7.61 13.38
C ILE A 6 0.75 8.17 12.04
N THR A 7 1.92 7.70 11.59
CA THR A 7 2.46 8.03 10.28
C THR A 7 2.44 6.74 9.46
N ASN A 8 2.01 6.80 8.18
CA ASN A 8 1.94 5.61 7.36
C ASN A 8 2.82 5.72 6.12
N PHE A 9 3.52 4.63 5.81
CA PHE A 9 4.23 4.42 4.54
C PHE A 9 3.82 3.11 3.87
N GLY A 10 3.78 3.15 2.55
CA GLY A 10 3.57 1.92 1.76
C GLY A 10 2.83 2.18 0.43
N ASP A 11 1.94 1.23 0.15
CA ASP A 11 1.35 1.10 -1.18
C ASP A 11 -0.18 1.23 -1.16
N ALA A 12 -0.87 0.64 -2.12
CA ALA A 12 -2.33 0.82 -2.19
C ALA A 12 -3.07 0.12 -1.05
N LEU A 13 -2.41 -0.78 -0.32
CA LEU A 13 -3.04 -1.30 0.88
C LEU A 13 -3.15 -0.22 1.94
N SER A 14 -2.32 0.83 1.90
CA SER A 14 -2.31 1.86 2.93
C SER A 14 -2.78 3.22 2.44
N ASP A 15 -2.68 3.46 1.14
CA ASP A 15 -2.94 4.77 0.52
C ASP A 15 -4.39 5.23 0.67
N ILE A 16 -4.58 6.50 1.08
CA ILE A 16 -5.95 7.03 1.16
C ILE A 16 -6.29 7.98 -0.01
N GLY A 17 -5.43 8.04 -1.02
CA GLY A 17 -5.77 8.79 -2.20
C GLY A 17 -4.64 9.45 -2.95
N ASN A 18 -3.37 9.16 -2.67
CA ASN A 18 -2.32 9.92 -3.37
C ASN A 18 -2.24 9.53 -4.86
N LYS A 19 -2.17 8.23 -5.16
CA LYS A 19 -2.10 7.86 -6.56
C LYS A 19 -3.31 8.39 -7.30
N HIS A 20 -4.49 8.27 -6.69
CA HIS A 20 -5.71 8.77 -7.33
C HIS A 20 -5.63 10.27 -7.58
N MET A 21 -5.32 11.04 -6.52
CA MET A 21 -5.45 12.49 -6.67
C MET A 21 -4.34 13.07 -7.51
N ILE A 22 -3.14 12.50 -7.48
CA ILE A 22 -2.10 12.95 -8.40
C ILE A 22 -2.57 12.80 -9.83
N THR A 23 -3.22 11.68 -10.16
CA THR A 23 -3.68 11.53 -11.54
C THR A 23 -4.88 12.42 -11.84
N VAL A 24 -5.75 12.65 -10.87
CA VAL A 24 -6.82 13.62 -11.07
C VAL A 24 -6.23 14.98 -11.41
N ASP A 25 -5.20 15.40 -10.64
CA ASP A 25 -4.61 16.72 -10.89
C ASP A 25 -3.87 16.76 -12.22
N MET A 26 -3.18 15.68 -12.58
CA MET A 26 -2.49 15.67 -13.87
C MET A 26 -3.48 15.66 -15.02
N ASN A 27 -4.60 14.99 -14.82
CA ASN A 27 -5.66 14.97 -15.82
C ASN A 27 -6.26 16.36 -15.99
N GLN A 28 -6.54 17.06 -14.89
CA GLN A 28 -7.01 18.44 -14.98
C GLN A 28 -5.98 19.31 -15.70
N ALA A 29 -4.73 19.20 -15.28
CA ALA A 29 -3.67 20.06 -15.81
C ALA A 29 -3.41 19.88 -17.28
N THR A 30 -3.76 18.72 -17.83
CA THR A 30 -3.58 18.41 -19.25
C THR A 30 -4.90 18.35 -20.00
N SER A 31 -5.99 18.81 -19.39
CA SER A 31 -7.34 18.79 -19.98
C SER A 31 -7.67 17.41 -20.53
N GLY A 32 -7.48 16.40 -19.68
CA GLY A 32 -7.99 15.06 -19.95
C GLY A 32 -7.03 14.10 -20.62
N LYS A 33 -5.74 14.43 -20.70
CA LYS A 33 -4.82 13.59 -21.45
C LYS A 33 -4.13 12.55 -20.57
N ILE A 34 -4.47 12.47 -19.29
CA ILE A 34 -3.88 11.52 -18.37
C ILE A 34 -5.01 10.74 -17.72
N GLY A 35 -4.85 9.42 -17.66
CA GLY A 35 -5.88 8.60 -17.08
C GLY A 35 -5.90 8.64 -15.56
N ILE A 36 -7.11 8.52 -15.04
CA ILE A 36 -7.34 8.59 -13.61
C ILE A 36 -7.24 7.20 -13.00
N ARG A 37 -6.38 7.06 -11.99
CA ARG A 37 -6.28 5.82 -11.26
C ARG A 37 -7.27 5.83 -10.10
N ALA A 38 -7.75 4.63 -9.73
CA ALA A 38 -8.71 4.48 -8.63
C ALA A 38 -9.93 5.37 -8.82
N ASP A 39 -10.45 5.36 -10.05
CA ASP A 39 -11.71 6.00 -10.35
C ASP A 39 -12.86 5.21 -9.73
N LYS A 40 -14.07 5.73 -9.90
CA LYS A 40 -15.23 4.96 -9.47
C LYS A 40 -15.21 3.62 -10.20
N PRO A 41 -15.69 2.53 -9.58
CA PRO A 41 -16.43 2.41 -8.31
C PRO A 41 -15.59 2.32 -7.06
N ASN A 42 -14.26 2.55 -7.18
CA ASN A 42 -13.43 2.68 -6.00
C ASN A 42 -13.92 3.85 -5.17
N PHE A 43 -13.76 3.71 -3.86
CA PHE A 43 -14.24 4.68 -2.86
C PHE A 43 -13.20 5.77 -2.65
N ASP A 44 -13.53 6.99 -3.10
CA ASP A 44 -12.77 8.22 -2.82
C ASP A 44 -11.26 8.02 -3.00
N GLY A 45 -10.88 7.39 -4.11
CA GLY A 45 -9.45 7.23 -4.40
C GLY A 45 -8.71 6.15 -3.63
N ARG A 46 -9.36 5.44 -2.72
CA ARG A 46 -8.83 4.21 -2.17
C ARG A 46 -8.95 3.10 -3.17
N PHE A 47 -7.94 2.23 -3.24
CA PHE A 47 -8.09 1.02 -4.04
C PHE A 47 -8.90 -0.02 -3.23
N SER A 48 -10.16 0.34 -2.96
CA SER A 48 -11.10 -0.49 -2.21
C SER A 48 -12.51 0.09 -2.37
N ASN A 49 -13.48 -0.61 -1.78
CA ASN A 49 -14.87 -0.14 -1.77
C ASN A 49 -15.21 0.64 -0.52
N GLY A 50 -14.21 1.07 0.21
CA GLY A 50 -14.40 1.90 1.37
C GLY A 50 -13.04 2.18 1.96
N PRO A 51 -12.99 2.57 3.23
CA PRO A 51 -11.71 2.89 3.85
C PRO A 51 -10.74 1.72 3.87
N VAL A 52 -9.45 2.07 3.86
CA VAL A 52 -8.40 1.06 3.97
C VAL A 52 -7.92 0.88 5.41
N TRP A 53 -7.00 -0.04 5.64
CA TRP A 53 -6.76 -0.49 7.01
C TRP A 53 -6.13 0.60 7.87
N THR A 54 -5.39 1.51 7.26
CA THR A 54 -4.80 2.58 8.04
C THR A 54 -5.84 3.55 8.61
N GLU A 55 -7.05 3.58 8.01
CA GLU A 55 -8.13 4.43 8.51
C GLU A 55 -8.83 3.78 9.69
N TYR A 56 -9.14 2.48 9.57
CA TYR A 56 -9.70 1.74 10.70
C TYR A 56 -8.74 1.72 11.88
N LEU A 57 -7.43 1.65 11.59
CA LEU A 57 -6.40 1.55 12.63
C LEU A 57 -6.45 2.77 13.54
N ALA A 58 -6.53 3.96 12.94
CA ALA A 58 -6.60 5.16 13.75
C ALA A 58 -7.88 5.19 14.55
N GLY A 59 -8.99 4.74 13.96
CA GLY A 59 -10.22 4.61 14.75
C GLY A 59 -10.04 3.66 15.93
N PHE A 60 -9.44 2.50 15.69
CA PHE A 60 -9.34 1.50 16.74
C PHE A 60 -8.42 1.96 17.85
N LEU A 61 -7.36 2.68 17.52
CA LEU A 61 -6.44 3.15 18.55
C LEU A 61 -6.77 4.53 19.08
N ALA A 62 -7.89 5.13 18.61
CA ALA A 62 -8.35 6.45 19.03
C ALA A 62 -7.31 7.53 18.82
N LYS A 63 -6.63 7.46 17.68
CA LYS A 63 -5.65 8.46 17.23
C LYS A 63 -6.20 9.20 16.00
N PRO A 64 -5.66 10.38 15.66
CA PRO A 64 -6.23 11.12 14.52
C PRO A 64 -6.19 10.31 13.23
N ALA A 65 -7.26 10.48 12.44
CA ALA A 65 -7.35 9.82 11.17
C ALA A 65 -6.17 10.17 10.28
N PRO A 66 -5.83 9.32 9.34
CA PRO A 66 -4.76 9.67 8.41
C PRO A 66 -5.09 10.92 7.62
N VAL A 67 -4.05 11.73 7.41
CA VAL A 67 -4.06 12.90 6.53
C VAL A 67 -3.15 12.60 5.36
N ARG A 68 -3.70 12.69 4.15
CA ARG A 68 -2.90 12.37 2.97
C ARG A 68 -1.75 13.37 2.81
N GLY A 69 -0.54 12.87 2.59
CA GLY A 69 0.60 13.75 2.42
C GLY A 69 1.56 13.30 1.33
N HIS A 70 2.29 14.29 0.80
CA HIS A 70 3.36 14.03 -0.14
C HIS A 70 4.25 15.26 -0.26
N GLY A 71 5.35 15.10 -1.00
CA GLY A 71 6.29 16.18 -1.20
C GLY A 71 5.98 16.97 -2.45
N GLU A 72 6.92 17.82 -2.84
CA GLU A 72 6.80 18.56 -4.09
C GLU A 72 6.88 17.58 -5.24
N ILE A 73 6.03 17.79 -6.25
CA ILE A 73 6.01 17.00 -7.48
C ILE A 73 6.35 17.95 -8.62
N ASP A 74 7.30 17.56 -9.46
CA ASP A 74 7.68 18.39 -10.58
C ASP A 74 8.22 17.51 -11.70
N SER A 75 7.66 17.67 -12.89
CA SER A 75 8.07 16.82 -14.00
C SER A 75 7.75 17.47 -15.34
N GLN A 76 8.58 17.15 -16.33
CA GLN A 76 8.32 17.45 -17.73
C GLN A 76 7.62 16.25 -18.34
N VAL A 77 6.30 16.36 -18.51
CA VAL A 77 5.45 15.30 -19.03
C VAL A 77 5.39 15.44 -20.54
N VAL A 78 5.90 14.45 -21.27
CA VAL A 78 5.94 14.51 -22.72
C VAL A 78 5.03 13.43 -23.26
N LEU A 79 4.02 13.85 -24.03
CA LEU A 79 3.03 12.97 -24.63
C LEU A 79 3.04 13.17 -26.15
N LYS A 80 2.36 12.26 -26.84
CA LYS A 80 2.15 12.32 -28.29
C LYS A 80 0.73 11.89 -28.61
N ASP A 81 0.08 12.59 -29.54
CA ASP A 81 -1.25 12.20 -29.98
C ASP A 81 -1.13 11.07 -30.98
N GLN A 82 -2.24 10.58 -31.53
CA GLN A 82 -2.13 9.44 -32.42
C GLN A 82 -1.47 9.85 -33.76
N ALA A 83 -1.57 11.12 -34.11
CA ALA A 83 -0.79 11.62 -35.25
C ALA A 83 0.71 11.72 -34.96
N GLY A 84 1.13 11.57 -33.72
CA GLY A 84 2.54 11.70 -33.39
C GLY A 84 3.03 13.11 -33.14
N LYS A 85 2.12 14.09 -33.03
CA LYS A 85 2.52 15.42 -32.59
C LYS A 85 2.85 15.39 -31.09
N GLN A 86 4.02 15.90 -30.75
CA GLN A 86 4.48 15.94 -29.37
C GLN A 86 3.89 17.14 -28.63
N ILE A 87 3.46 16.90 -27.40
CA ILE A 87 2.92 17.91 -26.49
C ILE A 87 3.67 17.77 -25.18
N THR A 88 4.13 18.89 -24.63
CA THR A 88 4.96 18.90 -23.43
C THR A 88 4.29 19.73 -22.34
N TYR A 89 4.25 19.18 -21.12
CA TYR A 89 3.65 19.85 -19.97
C TYR A 89 4.70 20.00 -18.90
N HIS A 90 4.63 21.11 -18.17
CA HIS A 90 5.37 21.27 -16.93
C HIS A 90 4.35 21.05 -15.83
N TYR A 91 4.34 19.84 -15.28
CA TYR A 91 3.41 19.49 -14.22
C TYR A 91 4.07 19.77 -12.89
N HIS A 92 3.36 20.48 -12.02
CA HIS A 92 3.92 20.80 -10.72
C HIS A 92 2.81 20.79 -9.67
N HIS A 93 3.15 20.30 -8.48
CA HIS A 93 2.28 20.45 -7.33
C HIS A 93 3.16 20.67 -6.11
N ASN A 94 2.77 21.63 -5.28
CA ASN A 94 3.48 21.87 -4.04
C ASN A 94 3.31 20.66 -3.12
N ALA A 95 4.22 20.56 -2.17
CA ALA A 95 4.09 19.58 -1.10
C ALA A 95 2.72 19.68 -0.44
N LEU A 96 2.26 18.53 0.06
CA LEU A 96 0.97 18.40 0.73
C LEU A 96 1.25 17.91 2.15
N PRO A 97 1.05 18.73 3.18
CA PRO A 97 1.34 18.27 4.53
C PRO A 97 0.40 17.15 4.89
N GLY A 98 0.97 16.11 5.49
CA GLY A 98 0.12 15.05 6.00
C GLY A 98 0.91 14.01 6.76
N THR A 99 0.21 12.91 7.12
CA THR A 99 0.76 11.81 7.88
C THR A 99 0.73 10.46 7.15
N ASN A 100 -0.07 10.33 6.10
CA ASN A 100 -0.14 9.09 5.34
C ASN A 100 0.47 9.35 3.97
N TRP A 101 1.71 8.92 3.83
CA TRP A 101 2.55 9.12 2.65
C TRP A 101 2.48 7.98 1.65
N ALA A 102 1.67 6.95 1.93
CA ALA A 102 1.55 5.80 1.05
C ALA A 102 1.01 6.24 -0.31
N VAL A 103 1.40 5.48 -1.35
CA VAL A 103 1.04 5.77 -2.74
C VAL A 103 0.82 4.42 -3.44
N GLY A 104 -0.31 4.26 -4.11
CA GLY A 104 -0.55 2.99 -4.79
C GLY A 104 0.55 2.73 -5.80
N GLY A 105 0.91 1.45 -5.96
CA GLY A 105 1.99 1.08 -6.87
C GLY A 105 3.38 1.06 -6.26
N ALA A 106 3.57 1.69 -5.10
CA ALA A 106 4.93 1.88 -4.57
C ALA A 106 5.59 0.55 -4.21
N MET A 107 6.89 0.47 -4.52
CA MET A 107 7.77 -0.64 -4.18
C MET A 107 8.64 -0.28 -2.99
N SER A 108 9.06 -1.30 -2.22
CA SER A 108 10.13 -1.07 -1.25
C SER A 108 11.39 -0.60 -2.00
N GLY A 109 12.04 0.41 -1.46
CA GLY A 109 13.23 1.01 -2.05
C GLY A 109 13.06 2.49 -2.34
N LEU A 110 14.08 3.06 -2.94
CA LEU A 110 14.14 4.49 -3.22
C LEU A 110 13.66 4.81 -4.63
N GLY A 111 13.58 6.11 -4.90
CA GLY A 111 13.29 6.61 -6.21
C GLY A 111 11.82 6.72 -6.52
N ASN A 112 11.57 7.09 -7.78
CA ASN A 112 10.25 7.22 -8.36
C ASN A 112 9.97 6.05 -9.31
N PHE A 113 8.70 5.87 -9.65
CA PHE A 113 8.32 4.78 -10.54
C PHE A 113 7.17 5.21 -11.44
N LEU A 114 6.96 4.41 -12.48
CA LEU A 114 5.96 4.69 -13.52
C LEU A 114 4.76 3.76 -13.37
N ASP A 115 3.60 4.35 -13.09
CA ASP A 115 2.36 3.57 -12.99
C ASP A 115 1.16 4.47 -13.31
N ILE A 116 1.32 5.33 -14.31
CA ILE A 116 0.27 6.23 -14.77
C ILE A 116 0.24 6.13 -16.28
N ASP A 117 -0.96 6.10 -16.84
CA ASP A 117 -1.11 6.02 -18.29
C ASP A 117 -1.63 7.34 -18.86
N ALA A 118 -1.25 7.64 -20.10
CA ALA A 118 -1.93 8.66 -20.87
C ALA A 118 -3.35 8.21 -21.23
N ALA A 119 -4.15 9.16 -21.73
CA ALA A 119 -5.55 8.90 -22.01
C ALA A 119 -6.01 9.58 -23.29
N ASN A 120 -7.21 9.18 -23.72
CA ASN A 120 -7.94 9.78 -24.85
C ASN A 120 -7.03 9.96 -26.07
N GLY A 121 -6.38 8.87 -26.47
CA GLY A 121 -5.64 8.85 -27.71
C GLY A 121 -4.23 9.39 -27.64
N PHE A 122 -3.73 9.66 -26.45
CA PHE A 122 -2.35 10.08 -26.28
C PHE A 122 -1.54 8.93 -25.72
N THR A 123 -0.25 9.03 -25.91
CA THR A 123 0.71 8.04 -25.44
C THR A 123 1.85 8.77 -24.77
N ALA A 124 2.24 8.31 -23.59
CA ALA A 124 3.28 9.00 -22.83
C ALA A 124 4.66 8.55 -23.28
N LYS A 125 5.51 9.53 -23.61
CA LYS A 125 6.90 9.26 -23.95
C LYS A 125 7.80 9.28 -22.73
N SER A 126 7.57 10.24 -21.83
CA SER A 126 8.49 10.56 -20.76
C SER A 126 7.78 11.34 -19.68
N GLY A 127 8.26 11.19 -18.46
CA GLY A 127 7.93 12.13 -17.41
C GLY A 127 6.70 11.81 -16.58
N LEU A 128 6.09 10.64 -16.78
CA LEU A 128 4.94 10.26 -15.95
C LEU A 128 5.37 9.56 -14.69
N ASP A 129 6.69 9.44 -14.46
CA ASP A 129 7.24 8.75 -13.30
C ASP A 129 7.30 9.68 -12.07
N VAL A 130 6.09 10.13 -11.66
CA VAL A 130 5.94 11.08 -10.56
C VAL A 130 5.54 10.42 -9.23
N LEU A 131 5.27 9.13 -9.20
CA LEU A 131 4.88 8.45 -7.98
C LEU A 131 6.14 8.00 -7.25
N THR A 132 6.09 8.02 -5.92
CA THR A 132 7.27 7.72 -5.11
C THR A 132 7.22 6.34 -4.45
N ASN A 133 8.31 5.59 -4.57
CA ASN A 133 8.45 4.31 -3.87
C ASN A 133 8.45 4.52 -2.36
N THR A 134 8.32 3.41 -1.61
CA THR A 134 8.11 3.55 -0.18
C THR A 134 9.29 4.22 0.50
N GLY A 135 10.51 3.86 0.10
CA GLY A 135 11.68 4.46 0.70
C GLY A 135 11.81 5.92 0.36
N GLN A 136 11.27 6.31 -0.80
CA GLN A 136 11.28 7.71 -1.25
C GLN A 136 10.25 8.51 -0.47
N GLN A 137 9.11 7.89 -0.14
CA GLN A 137 8.16 8.53 0.76
C GLN A 137 8.81 8.95 2.06
N ILE A 138 9.60 8.03 2.63
CA ILE A 138 10.26 8.28 3.90
C ILE A 138 11.24 9.44 3.76
N LYS A 139 12.03 9.43 2.68
CA LYS A 139 12.99 10.50 2.43
C LYS A 139 12.29 11.85 2.34
N LEU A 140 11.16 11.90 1.66
CA LEU A 140 10.45 13.17 1.50
C LEU A 140 9.72 13.58 2.79
N ARG A 141 9.19 12.61 3.54
CA ARG A 141 8.59 12.96 4.83
C ARG A 141 9.62 13.60 5.74
N ILE A 142 10.80 12.99 5.80
CA ILE A 142 11.90 13.53 6.62
C ILE A 142 12.29 14.93 6.16
N ALA A 143 12.46 15.15 4.85
CA ALA A 143 12.80 16.49 4.38
C ALA A 143 11.72 17.48 4.73
N ASN A 144 10.46 17.05 4.66
CA ASN A 144 9.38 18.01 4.85
C ASN A 144 9.15 18.32 6.33
N LYS A 145 9.26 17.30 7.21
CA LYS A 145 8.87 17.35 8.62
C LYS A 145 9.98 17.01 9.60
N GLY A 146 11.14 16.62 9.12
CA GLY A 146 12.26 16.37 9.98
C GLY A 146 12.22 14.98 10.58
N GLN A 147 13.06 14.80 11.58
CA GLN A 147 13.11 13.50 12.21
C GLN A 147 11.87 13.27 13.06
N PHE A 148 11.59 12.00 13.30
CA PHE A 148 10.48 11.62 14.15
C PHE A 148 10.77 12.01 15.59
N THR A 149 9.72 12.25 16.35
CA THR A 149 9.87 12.75 17.73
C THR A 149 9.84 11.63 18.76
N GLY A 150 9.41 10.44 18.37
CA GLY A 150 9.16 9.36 19.29
C GLY A 150 7.74 9.27 19.73
N ASN A 151 6.93 10.28 19.45
CA ASN A 151 5.53 10.31 19.84
C ASN A 151 4.61 9.76 18.77
N GLU A 152 5.16 9.10 17.76
CA GLU A 152 4.37 8.59 16.65
C GLU A 152 4.52 7.09 16.58
N LEU A 153 3.48 6.43 16.10
CA LEU A 153 3.58 5.07 15.62
C LEU A 153 3.76 5.20 14.12
N VAL A 154 4.72 4.48 13.56
CA VAL A 154 5.00 4.54 12.14
C VAL A 154 4.65 3.18 11.57
N SER A 155 3.71 3.12 10.64
CA SER A 155 3.39 1.86 9.97
C SER A 155 4.16 1.77 8.66
N TYR A 156 4.71 0.58 8.38
CA TYR A 156 5.42 0.31 7.14
C TYR A 156 4.85 -0.97 6.56
N MET A 157 4.25 -0.88 5.36
CA MET A 157 3.65 -2.05 4.72
C MET A 157 3.99 -1.95 3.24
N SER A 158 4.98 -2.73 2.80
CA SER A 158 5.43 -2.65 1.42
C SER A 158 5.94 -4.02 0.99
N GLY A 159 6.01 -4.19 -0.33
CA GLY A 159 6.65 -5.34 -0.93
C GLY A 159 5.76 -6.00 -1.97
N THR A 160 4.45 -5.81 -1.83
CA THR A 160 3.53 -6.38 -2.81
C THR A 160 3.88 -5.98 -4.22
N ASN A 161 4.29 -4.72 -4.42
CA ASN A 161 4.56 -4.23 -5.77
C ASN A 161 5.94 -4.64 -6.24
N ASN A 162 6.85 -4.98 -5.33
CA ASN A 162 8.09 -5.62 -5.76
C ASN A 162 7.77 -6.96 -6.42
N LEU A 163 6.78 -7.69 -5.89
CA LEU A 163 6.25 -8.88 -6.58
C LEU A 163 5.57 -8.46 -7.88
N TRP A 164 4.65 -7.53 -7.80
CA TRP A 164 3.84 -7.19 -8.96
C TRP A 164 4.70 -6.84 -10.16
N PHE A 165 5.69 -5.96 -9.95
CA PHE A 165 6.44 -5.50 -11.11
C PHE A 165 7.55 -6.46 -11.50
N THR A 166 7.81 -7.49 -10.69
CA THR A 166 8.64 -8.59 -11.16
C THR A 166 7.85 -9.51 -12.10
N LEU A 167 6.61 -9.83 -11.73
CA LEU A 167 5.76 -10.65 -12.59
C LEU A 167 5.39 -9.93 -13.88
N PHE A 168 4.90 -8.69 -13.78
CA PHE A 168 4.31 -7.98 -14.89
C PHE A 168 5.16 -6.82 -15.38
N GLY A 169 6.40 -6.71 -14.92
CA GLY A 169 7.31 -5.70 -15.45
C GLY A 169 8.75 -6.18 -15.46
N ASP A 170 9.69 -5.24 -15.63
CA ASP A 170 11.11 -5.49 -15.77
C ASP A 170 11.85 -5.54 -14.43
N LEU A 171 11.17 -5.29 -13.32
CA LEU A 171 11.80 -5.49 -12.02
C LEU A 171 12.19 -6.96 -11.99
N ASP A 172 13.31 -7.23 -11.36
CA ASP A 172 13.85 -8.59 -11.46
C ASP A 172 14.31 -8.99 -10.07
N GLN A 173 13.38 -8.96 -9.12
CA GLN A 173 13.72 -9.11 -7.73
C GLN A 173 13.26 -10.45 -7.18
N THR A 174 14.14 -11.08 -6.40
CA THR A 174 13.76 -12.16 -5.51
C THR A 174 12.97 -11.63 -4.32
N GLY A 175 12.23 -12.52 -3.65
CA GLY A 175 11.62 -12.13 -2.39
C GLY A 175 12.62 -11.64 -1.37
N ASN A 176 13.77 -12.31 -1.28
CA ASN A 176 14.79 -11.88 -0.32
C ASN A 176 15.40 -10.53 -0.73
N LYS A 177 15.62 -10.30 -2.02
CA LYS A 177 16.13 -9.03 -2.47
C LYS A 177 15.16 -7.91 -2.14
N ALA A 178 13.87 -8.10 -2.46
CA ALA A 178 12.86 -7.10 -2.12
C ALA A 178 12.74 -6.91 -0.62
N ALA A 179 12.83 -7.99 0.16
CA ALA A 179 12.80 -7.83 1.61
C ALA A 179 13.96 -6.98 2.08
N GLY A 180 15.12 -7.11 1.43
CA GLY A 180 16.27 -6.31 1.83
C GLY A 180 16.02 -4.83 1.66
N PHE A 181 15.41 -4.46 0.53
CA PHE A 181 15.02 -3.07 0.32
C PHE A 181 14.06 -2.58 1.41
N ALA A 182 13.13 -3.45 1.84
CA ALA A 182 12.23 -3.06 2.92
C ALA A 182 12.99 -2.82 4.21
N LEU A 183 13.94 -3.70 4.52
CA LEU A 183 14.66 -3.55 5.78
C LEU A 183 15.53 -2.31 5.75
N THR A 184 16.14 -2.03 4.58
CA THR A 184 16.87 -0.78 4.42
C THR A 184 15.97 0.40 4.72
N ASP A 185 14.72 0.36 4.21
CA ASP A 185 13.78 1.44 4.44
C ASP A 185 13.41 1.55 5.91
N ILE A 186 13.18 0.40 6.56
CA ILE A 186 12.77 0.43 7.97
C ILE A 186 13.93 0.93 8.84
N GLU A 187 15.17 0.57 8.49
CA GLU A 187 16.34 1.09 9.20
C GLU A 187 16.41 2.61 9.05
N THR A 188 16.03 3.13 7.88
CA THR A 188 15.99 4.58 7.72
C THR A 188 15.03 5.22 8.71
N LEU A 189 13.88 4.56 8.96
CA LEU A 189 12.93 5.07 9.93
C LEU A 189 13.56 5.15 11.30
N ILE A 190 14.21 4.06 11.71
CA ILE A 190 14.89 4.00 12.99
C ILE A 190 15.95 5.10 13.09
N ASP A 191 16.77 5.23 12.06
CA ASP A 191 17.83 6.24 12.10
C ASP A 191 17.25 7.64 12.05
N ALA A 192 15.98 7.80 11.66
CA ALA A 192 15.25 9.06 11.67
C ALA A 192 14.53 9.31 12.99
N GLY A 193 14.73 8.46 14.00
CA GLY A 193 14.14 8.69 15.30
C GLY A 193 12.83 7.98 15.61
N ALA A 194 12.40 7.06 14.74
CA ALA A 194 11.15 6.34 15.00
C ALA A 194 11.36 5.40 16.17
N LYS A 195 10.44 5.46 17.13
CA LYS A 195 10.54 4.65 18.33
C LYS A 195 9.44 3.61 18.45
N GLN A 196 8.43 3.66 17.59
CA GLN A 196 7.36 2.69 17.57
C GLN A 196 7.05 2.41 16.12
N VAL A 197 7.33 1.20 15.66
CA VAL A 197 7.22 0.81 14.28
C VAL A 197 6.33 -0.40 14.15
N LEU A 198 5.31 -0.27 13.31
CA LEU A 198 4.39 -1.35 13.00
C LEU A 198 4.72 -1.81 11.58
N ALA A 199 5.50 -2.88 11.49
CA ALA A 199 6.03 -3.39 10.24
C ALA A 199 5.20 -4.58 9.80
N ALA A 200 4.67 -4.54 8.57
CA ALA A 200 3.81 -5.61 8.08
C ALA A 200 4.55 -6.40 7.01
N ASN A 201 4.31 -7.71 6.97
CA ASN A 201 4.82 -8.51 5.85
C ASN A 201 3.82 -8.43 4.68
N ILE A 202 4.02 -9.26 3.67
CA ILE A 202 3.15 -9.30 2.51
C ILE A 202 1.99 -10.25 2.81
N PRO A 203 0.74 -9.87 2.57
CA PRO A 203 -0.38 -10.79 2.77
C PRO A 203 -0.23 -12.09 1.99
N ASP A 204 -1.02 -13.09 2.38
CA ASP A 204 -1.07 -14.34 1.62
C ASP A 204 -2.02 -14.15 0.43
N PHE A 205 -1.44 -13.71 -0.70
CA PHE A 205 -2.15 -13.49 -1.94
C PHE A 205 -2.19 -14.75 -2.83
N VAL A 206 -2.08 -15.96 -2.26
CA VAL A 206 -2.01 -17.16 -3.11
C VAL A 206 -3.21 -17.23 -4.04
N ASP A 207 -4.37 -16.79 -3.57
CA ASP A 207 -5.61 -16.90 -4.34
C ASP A 207 -6.02 -15.58 -4.98
N ALA A 208 -5.16 -14.57 -4.99
CA ALA A 208 -5.54 -13.32 -5.62
C ALA A 208 -5.86 -13.52 -7.10
N PRO A 209 -7.03 -13.07 -7.57
CA PRO A 209 -7.38 -13.33 -8.97
C PRO A 209 -6.34 -12.84 -9.97
N TRP A 210 -5.69 -11.70 -9.73
CA TRP A 210 -4.72 -11.24 -10.70
C TRP A 210 -3.42 -12.04 -10.70
N PHE A 211 -3.20 -12.92 -9.74
CA PHE A 211 -2.03 -13.78 -9.72
C PHE A 211 -2.37 -15.19 -10.22
N ALA A 212 -3.49 -15.36 -10.93
CA ALA A 212 -3.87 -16.70 -11.37
C ALA A 212 -2.89 -17.17 -12.45
N GLY A 213 -2.49 -18.44 -12.34
CA GLY A 213 -1.41 -18.95 -13.18
C GLY A 213 -0.02 -18.51 -12.80
N GLN A 214 0.16 -17.95 -11.59
CA GLN A 214 1.47 -17.55 -11.07
C GLN A 214 1.65 -18.03 -9.63
N GLN A 215 0.85 -19.00 -9.20
CA GLN A 215 0.81 -19.38 -7.79
C GLN A 215 2.16 -19.86 -7.26
N LYS A 216 2.88 -20.67 -8.02
CA LYS A 216 4.18 -21.12 -7.53
C LYS A 216 5.14 -19.95 -7.42
N LYS A 217 5.13 -19.03 -8.40
CA LYS A 217 6.03 -17.87 -8.34
C LYS A 217 5.68 -16.95 -7.16
N THR A 218 4.40 -16.73 -6.88
CA THR A 218 4.03 -15.84 -5.78
C THR A 218 4.31 -16.46 -4.43
N THR A 219 4.05 -17.76 -4.27
CA THR A 219 4.42 -18.40 -3.02
C THR A 219 5.92 -18.28 -2.79
N ARG A 220 6.72 -18.54 -3.83
CA ARG A 220 8.17 -18.46 -3.66
C ARG A 220 8.59 -17.07 -3.22
N PHE A 221 8.11 -16.05 -3.94
CA PHE A 221 8.46 -14.67 -3.62
C PHE A 221 7.96 -14.30 -2.23
N ILE A 222 6.69 -14.60 -1.95
CA ILE A 222 6.12 -14.08 -0.72
C ILE A 222 6.69 -14.80 0.49
N GLN A 223 6.89 -16.12 0.39
CA GLN A 223 7.51 -16.86 1.47
C GLN A 223 8.95 -16.38 1.70
N SER A 224 9.72 -16.29 0.63
CA SER A 224 11.11 -15.82 0.73
C SER A 224 11.17 -14.45 1.37
N HIS A 225 10.37 -13.51 0.84
CA HIS A 225 10.32 -12.15 1.35
C HIS A 225 9.99 -12.10 2.83
N ASN A 226 8.96 -12.84 3.25
CA ASN A 226 8.45 -12.64 4.60
C ASN A 226 9.41 -13.19 5.65
N GLN A 227 10.05 -14.32 5.37
CA GLN A 227 10.99 -14.89 6.34
C GLN A 227 12.27 -14.06 6.42
N ALA A 228 12.73 -13.52 5.28
CA ALA A 228 13.82 -12.57 5.30
C ALA A 228 13.45 -11.31 6.06
N LEU A 229 12.24 -10.81 5.86
CA LEU A 229 11.80 -9.62 6.57
C LEU A 229 11.73 -9.88 8.07
N LYS A 230 11.16 -11.02 8.47
CA LYS A 230 11.06 -11.32 9.89
C LYS A 230 12.45 -11.38 10.54
N ALA A 231 13.37 -12.09 9.89
CA ALA A 231 14.70 -12.26 10.45
C ALA A 231 15.41 -10.92 10.51
N GLY A 232 15.27 -10.12 9.46
CA GLY A 232 15.84 -8.78 9.49
C GLY A 232 15.27 -7.91 10.61
N LEU A 233 13.95 -7.97 10.80
CA LEU A 233 13.34 -7.18 11.86
C LEU A 233 13.77 -7.69 13.23
N ASP A 234 13.91 -9.00 13.38
CA ASP A 234 14.46 -9.54 14.62
C ASP A 234 15.85 -8.97 14.90
N GLN A 235 16.69 -8.86 13.86
CA GLN A 235 18.02 -8.31 14.05
C GLN A 235 17.97 -6.82 14.35
N LEU A 236 17.17 -6.07 13.59
CA LEU A 236 17.02 -4.65 13.89
C LEU A 236 16.53 -4.44 15.32
N ALA A 237 15.56 -5.24 15.77
CA ALA A 237 15.03 -5.07 17.11
C ALA A 237 16.13 -5.35 18.14
N ALA A 238 16.98 -6.33 17.84
CA ALA A 238 18.10 -6.67 18.71
C ALA A 238 19.05 -5.49 18.86
N ALA A 239 19.37 -4.86 17.75
CA ALA A 239 20.36 -3.79 17.74
C ALA A 239 19.84 -2.45 18.23
N HIS A 240 18.53 -2.32 18.47
CA HIS A 240 17.91 -1.01 18.72
C HIS A 240 16.96 -1.18 19.87
N PRO A 241 17.50 -1.33 21.07
CA PRO A 241 16.65 -1.70 22.23
C PRO A 241 15.75 -0.58 22.73
N ASP A 242 15.86 0.65 22.21
CA ASP A 242 14.94 1.72 22.55
C ASP A 242 13.80 1.86 21.53
N VAL A 243 13.72 0.94 20.59
CA VAL A 243 12.67 0.94 19.58
C VAL A 243 11.76 -0.24 19.87
N GLU A 244 10.46 0.00 19.78
CA GLU A 244 9.47 -1.07 19.88
C GLU A 244 8.97 -1.39 18.48
N ILE A 245 9.22 -2.62 18.02
CA ILE A 245 8.80 -3.06 16.70
C ILE A 245 7.72 -4.11 16.86
N TYR A 246 6.59 -3.88 16.21
CA TYR A 246 5.48 -4.84 16.15
C TYR A 246 5.47 -5.41 14.75
N TYR A 247 5.44 -6.73 14.64
CA TYR A 247 5.44 -7.40 13.34
C TYR A 247 4.03 -7.83 13.03
N PHE A 248 3.35 -7.06 12.19
CA PHE A 248 2.01 -7.37 11.72
C PHE A 248 2.10 -8.52 10.72
N ASP A 249 1.77 -9.74 11.15
CA ASP A 249 1.80 -10.91 10.26
C ASP A 249 0.52 -10.94 9.43
N ALA A 250 0.44 -10.02 8.47
CA ALA A 250 -0.67 -9.99 7.54
C ALA A 250 -0.80 -11.27 6.74
N PHE A 251 0.34 -11.91 6.43
CA PHE A 251 0.30 -13.20 5.76
C PHE A 251 -0.56 -14.21 6.53
N ASP A 252 -0.20 -14.47 7.79
CA ASP A 252 -0.95 -15.45 8.55
C ASP A 252 -2.41 -15.05 8.69
N LEU A 253 -2.70 -13.76 8.83
CA LEU A 253 -4.09 -13.32 8.97
C LEU A 253 -4.87 -13.64 7.71
N PHE A 254 -4.28 -13.35 6.54
CA PHE A 254 -4.95 -13.70 5.29
C PHE A 254 -5.13 -15.21 5.20
N ASN A 255 -4.06 -15.96 5.50
CA ASN A 255 -4.14 -17.42 5.49
C ASN A 255 -5.24 -17.95 6.40
N LYS A 256 -5.28 -17.47 7.65
CA LYS A 256 -6.30 -17.95 8.59
C LYS A 256 -7.70 -17.65 8.07
N VAL A 257 -7.96 -16.40 7.67
CA VAL A 257 -9.29 -16.03 7.19
C VAL A 257 -9.68 -16.90 6.00
N SER A 258 -8.74 -17.10 5.07
CA SER A 258 -9.05 -17.87 3.88
C SER A 258 -9.39 -19.31 4.24
N ASN A 259 -8.60 -19.93 5.12
CA ASN A 259 -8.85 -21.32 5.44
C ASN A 259 -10.14 -21.47 6.22
N GLU A 260 -10.42 -20.53 7.12
CA GLU A 260 -11.71 -20.53 7.78
C GLU A 260 -12.86 -20.50 6.77
N VAL A 261 -12.78 -19.65 5.74
CA VAL A 261 -13.89 -19.56 4.81
C VAL A 261 -13.98 -20.82 3.96
N LYS A 262 -12.83 -21.37 3.57
CA LYS A 262 -12.81 -22.56 2.75
C LYS A 262 -13.29 -23.82 3.49
N THR A 263 -13.01 -23.94 4.79
CA THR A 263 -13.31 -25.18 5.51
C THR A 263 -14.60 -25.14 6.31
N LYS A 264 -15.07 -23.95 6.66
CA LYS A 264 -16.32 -23.77 7.39
C LYS A 264 -17.36 -23.01 6.58
N GLY A 265 -16.96 -22.35 5.50
CA GLY A 265 -17.87 -21.63 4.63
C GLY A 265 -17.99 -20.15 4.92
N LYS A 266 -17.44 -19.68 6.03
CA LYS A 266 -17.51 -18.27 6.38
C LYS A 266 -16.42 -17.94 7.37
N TYR A 267 -16.07 -16.64 7.41
CA TYR A 267 -15.31 -16.02 8.49
C TYR A 267 -16.16 -14.89 9.03
N GLN A 268 -16.60 -14.98 10.29
CA GLN A 268 -17.49 -13.97 10.83
C GLN A 268 -16.90 -13.39 12.11
N ASP A 269 -17.05 -12.07 12.27
CA ASP A 269 -16.57 -11.36 13.44
C ASP A 269 -17.70 -10.44 13.87
N LYS A 270 -18.44 -10.85 14.91
CA LYS A 270 -19.61 -10.08 15.32
C LYS A 270 -19.21 -8.71 15.83
N GLU A 271 -18.03 -8.60 16.44
CA GLU A 271 -17.57 -7.30 16.95
C GLU A 271 -17.40 -6.29 15.84
N LEU A 272 -17.01 -6.74 14.63
CA LEU A 272 -16.79 -5.85 13.50
C LEU A 272 -17.98 -5.77 12.55
N ALA A 273 -19.00 -6.61 12.77
CA ALA A 273 -20.16 -6.67 11.90
C ALA A 273 -19.76 -7.12 10.48
N ILE A 274 -18.93 -8.15 10.42
CA ILE A 274 -18.40 -8.64 9.16
C ILE A 274 -18.60 -10.14 9.06
N THR A 275 -19.05 -10.58 7.89
CA THR A 275 -19.16 -11.99 7.54
C THR A 275 -18.61 -12.13 6.13
N LEU A 276 -17.46 -12.80 5.98
CA LEU A 276 -16.92 -13.12 4.67
C LEU A 276 -17.27 -14.55 4.28
N THR A 277 -17.68 -14.73 3.03
CA THR A 277 -18.01 -16.03 2.45
C THR A 277 -17.29 -16.34 1.14
N ASN A 278 -16.40 -15.48 0.66
CA ASN A 278 -15.70 -15.67 -0.60
C ASN A 278 -14.29 -15.14 -0.43
N VAL A 279 -13.29 -15.97 -0.70
CA VAL A 279 -11.89 -15.54 -0.62
C VAL A 279 -11.14 -15.88 -1.90
N THR A 280 -11.87 -16.13 -2.96
CA THR A 280 -11.27 -16.53 -4.22
C THR A 280 -11.61 -15.68 -5.41
N GLY A 281 -12.67 -14.88 -5.34
CA GLY A 281 -13.10 -14.09 -6.47
C GLY A 281 -13.07 -12.58 -6.21
N GLU A 282 -13.09 -11.80 -7.28
CA GLU A 282 -13.16 -10.34 -7.20
C GLU A 282 -14.61 -9.90 -7.05
N ALA A 283 -14.88 -8.97 -6.14
CA ALA A 283 -16.21 -8.37 -6.04
C ALA A 283 -16.47 -7.39 -7.17
N TYR A 284 -15.41 -6.90 -7.82
CA TYR A 284 -15.46 -5.79 -8.77
C TYR A 284 -14.49 -6.05 -9.92
N SER A 285 -14.96 -5.94 -11.14
CA SER A 285 -14.14 -6.20 -12.32
C SER A 285 -13.60 -4.88 -12.88
N TYR A 286 -12.28 -4.71 -12.81
CA TYR A 286 -11.63 -3.55 -13.40
C TYR A 286 -11.99 -3.36 -14.86
N ALA A 287 -11.97 -4.46 -15.62
CA ALA A 287 -12.14 -4.40 -17.07
C ALA A 287 -13.53 -3.92 -17.48
N THR A 288 -14.60 -4.36 -16.78
CA THR A 288 -15.97 -4.05 -17.18
C THR A 288 -16.66 -3.00 -16.32
N GLY A 289 -16.14 -2.71 -15.13
CA GLY A 289 -16.82 -1.87 -14.17
C GLY A 289 -17.84 -2.55 -13.26
N LYS A 290 -18.21 -3.79 -13.54
CA LYS A 290 -19.31 -4.42 -12.83
C LYS A 290 -18.91 -4.84 -11.42
N VAL A 291 -19.89 -4.76 -10.50
CA VAL A 291 -19.69 -5.06 -9.09
C VAL A 291 -20.81 -5.97 -8.62
N ILE A 292 -20.45 -6.98 -7.81
CA ILE A 292 -21.44 -7.91 -7.23
C ILE A 292 -22.31 -7.13 -6.25
N ALA A 293 -23.47 -7.73 -5.91
CA ALA A 293 -24.44 -7.01 -5.08
C ALA A 293 -23.94 -6.81 -3.65
N GLN A 294 -23.11 -7.71 -3.15
CA GLN A 294 -22.70 -7.71 -1.74
C GLN A 294 -21.19 -7.85 -1.64
N PRO A 295 -20.45 -6.81 -2.05
CA PRO A 295 -18.98 -6.93 -2.08
C PRO A 295 -18.36 -7.24 -0.74
N ASN A 296 -19.00 -6.84 0.36
CA ASN A 296 -18.37 -7.07 1.65
C ASN A 296 -18.50 -8.50 2.16
N ARG A 297 -19.02 -9.42 1.36
CA ARG A 297 -18.82 -10.83 1.66
C ARG A 297 -17.49 -11.35 1.11
N ASN A 298 -16.71 -10.53 0.42
CA ASN A 298 -15.49 -11.00 -0.20
C ASN A 298 -14.24 -10.47 0.49
N LEU A 299 -13.19 -11.30 0.49
CA LEU A 299 -11.86 -10.78 0.83
C LEU A 299 -11.36 -9.81 -0.23
N PHE A 300 -11.51 -10.14 -1.50
CA PHE A 300 -10.94 -9.36 -2.60
C PHE A 300 -11.95 -8.41 -3.21
N TRP A 301 -11.58 -7.14 -3.33
CA TRP A 301 -12.41 -6.17 -4.04
C TRP A 301 -12.23 -6.32 -5.53
N ASP A 302 -11.00 -6.06 -6.02
CA ASP A 302 -10.67 -6.32 -7.41
C ASP A 302 -9.84 -7.60 -7.42
N GLY A 303 -8.91 -7.71 -8.34
CA GLY A 303 -8.13 -8.93 -8.40
C GLY A 303 -6.95 -9.00 -7.46
N LEU A 304 -6.80 -8.04 -6.55
CA LEU A 304 -5.67 -8.06 -5.62
C LEU A 304 -5.98 -7.30 -4.34
N HIS A 305 -6.57 -6.12 -4.45
CA HIS A 305 -6.79 -5.27 -3.29
C HIS A 305 -7.94 -5.79 -2.43
N PRO A 306 -7.80 -5.78 -1.12
CA PRO A 306 -8.90 -6.20 -0.25
C PRO A 306 -10.09 -5.25 -0.27
N THR A 307 -11.28 -5.81 0.03
CA THR A 307 -12.43 -5.02 0.36
C THR A 307 -12.25 -4.26 1.68
N THR A 308 -13.10 -3.26 1.89
CA THR A 308 -13.02 -2.51 3.14
C THR A 308 -13.35 -3.39 4.34
N ALA A 309 -14.24 -4.37 4.18
CA ALA A 309 -14.41 -5.38 5.25
C ALA A 309 -13.08 -6.02 5.62
N MET A 310 -12.32 -6.50 4.63
CA MET A 310 -11.05 -7.15 4.95
C MET A 310 -10.05 -6.15 5.51
N HIS A 311 -10.08 -4.90 5.04
CA HIS A 311 -9.20 -3.87 5.63
C HIS A 311 -9.53 -3.65 7.12
N LYS A 312 -10.82 -3.72 7.49
CA LYS A 312 -11.23 -3.64 8.90
C LYS A 312 -10.67 -4.81 9.71
N ILE A 313 -10.73 -6.01 9.17
CA ILE A 313 -10.15 -7.18 9.81
C ILE A 313 -8.66 -6.99 10.00
N MET A 314 -7.99 -6.44 8.98
CA MET A 314 -6.55 -6.23 9.07
C MET A 314 -6.22 -5.24 10.16
N ALA A 315 -7.01 -4.17 10.28
CA ALA A 315 -6.68 -3.14 11.27
C ALA A 315 -6.99 -3.60 12.68
N LYS A 316 -8.01 -4.43 12.86
CA LYS A 316 -8.27 -4.96 14.20
C LYS A 316 -7.12 -5.82 14.69
N GLU A 317 -6.56 -6.65 13.80
CA GLU A 317 -5.41 -7.48 14.18
C GLU A 317 -4.20 -6.61 14.51
N ALA A 318 -3.97 -5.58 13.71
CA ALA A 318 -2.85 -4.68 13.96
C ALA A 318 -3.07 -3.87 15.22
N ALA A 319 -4.26 -3.31 15.39
CA ALA A 319 -4.53 -2.56 16.60
C ALA A 319 -4.35 -3.43 17.84
N SER A 320 -4.80 -4.68 17.77
CA SER A 320 -4.70 -5.52 18.96
C SER A 320 -3.27 -5.99 19.19
N LEU A 321 -2.49 -6.10 18.12
CA LEU A 321 -1.07 -6.35 18.28
C LEU A 321 -0.40 -5.20 19.02
N VAL A 322 -0.76 -3.96 18.68
CA VAL A 322 -0.13 -2.81 19.34
C VAL A 322 -0.58 -2.72 20.79
N ILE A 323 -1.89 -2.91 21.03
CA ILE A 323 -2.42 -2.84 22.39
C ILE A 323 -1.83 -3.95 23.25
N SER A 324 -1.55 -5.11 22.65
CA SER A 324 -0.99 -6.23 23.38
C SER A 324 0.47 -6.02 23.79
N GLY A 325 1.13 -4.97 23.30
CA GLY A 325 2.54 -4.74 23.59
C GLY A 325 3.49 -5.85 23.21
N ARG A 326 3.05 -6.81 22.38
CA ARG A 326 3.87 -7.95 21.98
C ARG A 326 4.84 -7.55 20.88
N THR A 327 5.94 -6.93 21.29
CA THR A 327 6.95 -6.45 20.36
C THR A 327 8.01 -7.52 20.10
N LEU A 328 8.77 -7.29 19.04
CA LEU A 328 9.92 -8.12 18.75
C LEU A 328 11.01 -7.84 19.76
#